data_5CVM
#
_entry.id   5CVM
#
_cell.length_a   90.613
_cell.length_b   105.120
_cell.length_c   134.656
_cell.angle_alpha   90.00
_cell.angle_beta   90.00
_cell.angle_gamma   90.00
#
_symmetry.space_group_name_H-M   'C 2 2 21'
#
loop_
_entity.id
_entity.type
_entity.pdbx_description
1 polymer 'Ubiquitin carboxyl-terminal hydrolase 46'
2 polymer Polyubiquitin-B
3 non-polymer 'ZINC ION'
4 water water
#
loop_
_entity_poly.entity_id
_entity_poly.type
_entity_poly.pdbx_seq_one_letter_code
_entity_poly.pdbx_strand_id
1 'polypeptide(L)'
;MHHHHHHGENLYFQGSPEQFPINEHYFGLVNFGNTCYCNSVLQALYFCRPFRENVLAYKAQQKKKENLLTCLADLFHSIA
TQKKKVGVIPPKKFISRLRKENDLFDNYMQQDAHEFLNYLLNTIADILQEEKKQEKQNGKLKNGNMNEPAENNKPELTWV
HEIFQGTLTNETRCLNCETVSSKDEDFLDLSVDVEQNTSITHCLRDFSNTETLCSEQKYYCETCCSKQEAQKRMRVKKLP
MILALHLKRFKYMEQLHRYTKLSYRVVFPLELRLFNTSSDAVNLDRMYDLVAVVVHCGSGPNRGHYITIVKSHGFWLLFD
DDIVEKIDAQAIEEFYGLTSDISKNSESGYILFYQSRE
;
A
2 'polypeptide(L)'
;MGSSHHHHHHSSGLVPRGSHMQIFVKTLTGKTITLEVEPSDTIENVKAKIQDKEGIPPDQQRLIFAGKQLEDGRTLSDYN
IQKESTLHLVLRLRGG
;
B
#
# COMPACT_ATOMS: atom_id res chain seq x y z
N HIS A 25 11.07 19.50 -12.43
CA HIS A 25 12.26 19.99 -11.73
C HIS A 25 11.99 19.88 -10.22
N TYR A 26 11.95 21.00 -9.42
CA TYR A 26 11.59 20.98 -7.98
C TYR A 26 10.49 22.02 -7.66
N PHE A 27 9.25 21.60 -7.89
CA PHE A 27 8.04 22.40 -7.72
C PHE A 27 7.13 21.74 -6.70
N GLY A 28 6.62 22.56 -5.80
CA GLY A 28 5.62 22.14 -4.84
C GLY A 28 4.27 22.06 -5.54
N LEU A 29 3.26 21.49 -4.84
CA LEU A 29 1.93 21.39 -5.43
C LEU A 29 1.01 22.14 -4.51
N VAL A 30 0.04 22.85 -5.08
CA VAL A 30 -0.95 23.57 -4.29
C VAL A 30 -1.90 22.58 -3.61
N ASN A 31 -2.23 22.85 -2.33
CA ASN A 31 -3.18 22.04 -1.56
C ASN A 31 -4.58 22.62 -1.83
N PHE A 32 -5.50 21.80 -2.37
CA PHE A 32 -6.85 22.24 -2.74
C PHE A 32 -7.93 21.75 -1.77
N GLY A 33 -7.62 21.79 -0.49
CA GLY A 33 -8.56 21.40 0.54
C GLY A 33 -8.30 20.02 1.04
N ASN A 34 -7.41 19.94 2.03
CA ASN A 34 -6.96 18.70 2.66
C ASN A 34 -6.48 17.71 1.59
N THR A 35 -5.77 18.20 0.55
CA THR A 35 -5.30 17.28 -0.51
C THR A 35 -3.83 16.93 -0.39
N CYS A 36 -3.21 17.14 0.78
CA CYS A 36 -1.79 16.78 0.97
C CYS A 36 -1.60 15.27 0.82
N TYR A 37 -2.66 14.48 1.09
CA TYR A 37 -2.57 13.01 0.95
C TYR A 37 -2.31 12.66 -0.53
N CYS A 38 -2.89 13.43 -1.44
N CYS A 38 -2.89 13.47 -1.48
CA CYS A 38 -2.74 13.24 -2.86
CA CYS A 38 -2.71 13.34 -2.94
C CYS A 38 -1.39 13.83 -3.34
C CYS A 38 -1.32 13.80 -3.26
N ASN A 39 -1.04 15.07 -2.92
CA ASN A 39 0.24 15.72 -3.29
C ASN A 39 1.43 14.94 -2.88
N SER A 40 1.42 14.40 -1.66
CA SER A 40 2.57 13.65 -1.16
C SER A 40 2.82 12.43 -2.01
N VAL A 41 1.75 11.76 -2.42
CA VAL A 41 1.86 10.54 -3.24
C VAL A 41 2.27 10.93 -4.67
N LEU A 42 1.67 12.00 -5.23
CA LEU A 42 2.08 12.46 -6.57
C LEU A 42 3.56 12.78 -6.62
N GLN A 43 4.10 13.43 -5.54
CA GLN A 43 5.54 13.73 -5.50
C GLN A 43 6.38 12.46 -5.46
N ALA A 44 5.96 11.49 -4.62
CA ALA A 44 6.68 10.21 -4.52
C ALA A 44 6.70 9.53 -5.89
N LEU A 45 5.55 9.51 -6.57
CA LEU A 45 5.45 8.90 -7.90
C LEU A 45 6.23 9.65 -8.96
N TYR A 46 6.28 10.98 -8.88
CA TYR A 46 7.08 11.78 -9.82
C TYR A 46 8.57 11.38 -9.74
N PHE A 47 9.05 11.07 -8.53
CA PHE A 47 10.43 10.69 -8.35
C PHE A 47 10.67 9.15 -8.43
N CYS A 48 9.66 8.41 -8.96
CA CYS A 48 9.78 6.98 -9.30
C CYS A 48 10.03 7.04 -10.80
N ARG A 49 11.31 7.11 -11.18
CA ARG A 49 11.76 7.35 -12.57
C ARG A 49 10.98 6.54 -13.65
N PRO A 50 10.83 5.20 -13.59
CA PRO A 50 10.08 4.51 -14.65
C PRO A 50 8.63 4.90 -14.71
N PHE A 51 8.05 5.25 -13.55
CA PHE A 51 6.65 5.68 -13.55
C PHE A 51 6.54 7.06 -14.21
N ARG A 52 7.41 7.99 -13.83
CA ARG A 52 7.40 9.35 -14.44
C ARG A 52 7.56 9.26 -15.97
N GLU A 53 8.53 8.43 -16.42
CA GLU A 53 8.80 8.25 -17.85
C GLU A 53 7.61 7.69 -18.59
N ASN A 54 6.94 6.65 -18.06
CA ASN A 54 5.77 6.06 -18.71
C ASN A 54 4.61 7.05 -18.75
N VAL A 55 4.48 7.87 -17.70
CA VAL A 55 3.42 8.91 -17.65
C VAL A 55 3.71 9.98 -18.72
N LEU A 56 4.98 10.42 -18.80
CA LEU A 56 5.40 11.41 -19.79
C LEU A 56 5.22 10.86 -21.22
N ALA A 57 5.51 9.55 -21.45
CA ALA A 57 5.30 8.91 -22.75
C ALA A 57 3.81 8.83 -23.09
N TYR A 58 2.96 8.65 -22.07
CA TYR A 58 1.52 8.66 -22.26
C TYR A 58 1.04 10.06 -22.67
N LYS A 59 1.58 11.12 -22.01
CA LYS A 59 1.25 12.50 -22.39
C LYS A 59 1.62 12.75 -23.87
N ALA A 60 2.81 12.23 -24.29
CA ALA A 60 3.32 12.40 -25.66
C ALA A 60 2.40 11.83 -26.73
N GLN A 61 1.58 10.82 -26.40
CA GLN A 61 0.63 10.20 -27.33
C GLN A 61 -0.52 11.15 -27.66
N GLN A 62 -0.68 12.22 -26.86
CA GLN A 62 -1.65 13.31 -27.02
C GLN A 62 -3.10 12.82 -27.22
N LYS A 63 -3.63 12.15 -26.17
CA LYS A 63 -5.01 11.62 -26.12
C LYS A 63 -6.00 12.79 -26.04
N LYS A 64 -7.10 12.71 -26.80
CA LYS A 64 -8.13 13.76 -26.82
C LYS A 64 -9.14 13.68 -25.66
N LYS A 65 -9.58 12.45 -25.27
CA LYS A 65 -10.53 12.25 -24.17
C LYS A 65 -9.84 12.47 -22.82
N GLU A 66 -10.59 13.02 -21.86
CA GLU A 66 -10.10 13.32 -20.53
C GLU A 66 -10.47 12.22 -19.53
N ASN A 67 -9.49 11.85 -18.67
CA ASN A 67 -9.66 10.87 -17.59
C ASN A 67 -8.57 11.10 -16.54
N LEU A 68 -8.57 10.31 -15.43
CA LEU A 68 -7.58 10.52 -14.37
C LEU A 68 -6.12 10.38 -14.88
N LEU A 69 -5.88 9.46 -15.84
CA LEU A 69 -4.54 9.28 -16.39
C LEU A 69 -4.09 10.47 -17.27
N THR A 70 -4.97 10.96 -18.16
CA THR A 70 -4.60 12.16 -18.99
C THR A 70 -4.32 13.36 -18.10
N CYS A 71 -5.07 13.54 -16.99
CA CYS A 71 -4.84 14.63 -16.03
C CYS A 71 -3.51 14.47 -15.33
N LEU A 72 -3.18 13.23 -14.93
CA LEU A 72 -1.92 12.94 -14.27
C LEU A 72 -0.77 13.24 -15.25
N ALA A 73 -0.93 12.81 -16.51
CA ALA A 73 0.08 13.03 -17.57
C ALA A 73 0.27 14.51 -17.86
N ASP A 74 -0.83 15.29 -17.92
CA ASP A 74 -0.77 16.75 -18.07
C ASP A 74 -0.01 17.38 -16.92
N LEU A 75 -0.25 16.92 -15.68
CA LEU A 75 0.42 17.47 -14.49
C LEU A 75 1.90 17.15 -14.49
N PHE A 76 2.27 15.89 -14.76
CA PHE A 76 3.68 15.50 -14.81
C PHE A 76 4.40 16.26 -15.91
N HIS A 77 3.77 16.42 -17.07
CA HIS A 77 4.34 17.21 -18.16
C HIS A 77 4.55 18.69 -17.72
N SER A 78 3.57 19.32 -16.99
CA SER A 78 3.77 20.69 -16.50
C SER A 78 4.94 20.75 -15.56
N ILE A 79 5.10 19.76 -14.66
CA ILE A 79 6.24 19.75 -13.72
C ILE A 79 7.54 19.64 -14.50
N ALA A 80 7.59 18.72 -15.47
CA ALA A 80 8.81 18.44 -16.24
C ALA A 80 9.27 19.59 -17.13
N THR A 81 8.33 20.41 -17.61
CA THR A 81 8.62 21.47 -18.58
C THR A 81 8.60 22.90 -18.02
N GLN A 82 8.51 23.08 -16.70
CA GLN A 82 8.51 24.43 -16.13
C GLN A 82 9.83 25.13 -16.45
N LYS A 83 9.76 26.39 -16.94
CA LYS A 83 10.93 27.19 -17.34
C LYS A 83 12.01 27.30 -16.26
N LYS A 84 11.59 27.35 -14.98
CA LYS A 84 12.48 27.46 -13.82
C LYS A 84 12.79 26.06 -13.23
N LYS A 85 13.66 26.01 -12.19
CA LYS A 85 14.02 24.76 -11.52
C LYS A 85 13.26 24.61 -10.19
N VAL A 86 12.74 25.74 -9.65
CA VAL A 86 12.02 25.85 -8.38
C VAL A 86 10.72 26.70 -8.55
N GLY A 87 9.64 26.33 -7.87
CA GLY A 87 8.35 27.04 -7.90
C GLY A 87 7.15 26.30 -7.34
N VAL A 88 5.91 26.65 -7.82
CA VAL A 88 4.62 26.05 -7.38
C VAL A 88 3.68 25.74 -8.56
N ILE A 89 3.11 24.51 -8.61
CA ILE A 89 2.20 24.09 -9.66
C ILE A 89 0.83 23.70 -9.06
N PRO A 90 -0.28 24.16 -9.65
CA PRO A 90 -1.59 23.77 -9.11
C PRO A 90 -2.15 22.50 -9.75
N PRO A 91 -2.34 21.38 -9.00
CA PRO A 91 -2.94 20.19 -9.62
C PRO A 91 -4.48 20.32 -9.66
N LYS A 92 -4.99 21.46 -10.13
CA LYS A 92 -6.41 21.80 -10.13
C LYS A 92 -7.28 20.83 -10.94
N LYS A 93 -6.96 20.62 -12.22
CA LYS A 93 -7.71 19.70 -13.06
C LYS A 93 -7.62 18.26 -12.55
N PHE A 94 -6.46 17.86 -11.97
CA PHE A 94 -6.30 16.49 -11.47
C PHE A 94 -7.21 16.28 -10.26
N ILE A 95 -7.18 17.23 -9.30
CA ILE A 95 -7.99 17.15 -8.07
C ILE A 95 -9.48 17.17 -8.43
N SER A 96 -9.87 18.05 -9.36
CA SER A 96 -11.25 18.15 -9.83
C SER A 96 -11.72 16.82 -10.41
N ARG A 97 -10.88 16.17 -11.26
CA ARG A 97 -11.18 14.86 -11.83
C ARG A 97 -11.22 13.76 -10.76
N LEU A 98 -10.28 13.79 -9.80
CA LEU A 98 -10.24 12.79 -8.74
C LEU A 98 -11.55 12.81 -7.94
N ARG A 99 -12.02 14.00 -7.63
CA ARG A 99 -13.25 14.20 -6.86
C ARG A 99 -14.50 13.78 -7.66
N LYS A 100 -14.51 14.01 -8.98
CA LYS A 100 -15.63 13.67 -9.85
C LYS A 100 -15.86 12.16 -10.01
N GLU A 101 -14.80 11.37 -10.22
CA GLU A 101 -14.91 9.93 -10.51
C GLU A 101 -14.85 8.97 -9.33
N ASN A 102 -14.57 9.48 -8.13
CA ASN A 102 -14.48 8.62 -6.97
C ASN A 102 -15.21 9.23 -5.79
N ASP A 103 -16.33 8.59 -5.39
CA ASP A 103 -17.19 9.03 -4.27
C ASP A 103 -16.43 9.14 -2.96
N LEU A 104 -15.51 8.18 -2.73
CA LEU A 104 -14.58 8.06 -1.61
C LEU A 104 -13.73 9.33 -1.36
N PHE A 105 -13.23 9.99 -2.43
CA PHE A 105 -12.41 11.22 -2.31
C PHE A 105 -13.21 12.48 -2.69
N ASP A 106 -14.53 12.31 -2.99
CA ASP A 106 -15.42 13.41 -3.39
C ASP A 106 -15.88 14.17 -2.16
N ASN A 107 -14.92 14.79 -1.47
CA ASN A 107 -15.16 15.54 -0.26
C ASN A 107 -13.92 16.39 -0.01
N TYR A 108 -13.94 17.16 1.09
CA TYR A 108 -12.82 18.03 1.46
C TYR A 108 -12.25 17.57 2.79
N MET A 109 -12.42 16.28 3.06
CA MET A 109 -11.95 15.69 4.31
C MET A 109 -10.53 15.10 4.13
N GLN A 110 -9.83 14.92 5.24
CA GLN A 110 -8.50 14.36 5.25
C GLN A 110 -8.60 12.85 4.92
N GLN A 111 -7.64 12.36 4.12
CA GLN A 111 -7.69 10.97 3.64
C GLN A 111 -6.34 10.28 3.80
N ASP A 112 -6.33 8.96 3.58
CA ASP A 112 -5.15 8.12 3.73
C ASP A 112 -4.35 8.10 2.40
N ALA A 113 -3.04 8.29 2.49
CA ALA A 113 -2.16 8.32 1.30
C ALA A 113 -2.05 6.97 0.59
N HIS A 114 -2.06 5.88 1.34
CA HIS A 114 -1.96 4.54 0.75
C HIS A 114 -3.26 4.18 0.01
N GLU A 115 -4.43 4.59 0.56
CA GLU A 115 -5.72 4.32 -0.09
C GLU A 115 -5.72 5.07 -1.43
N PHE A 116 -5.17 6.31 -1.44
CA PHE A 116 -5.09 7.12 -2.68
C PHE A 116 -4.13 6.45 -3.65
N LEU A 117 -2.95 6.08 -3.15
CA LEU A 117 -1.94 5.41 -3.98
C LEU A 117 -2.54 4.22 -4.72
N ASN A 118 -3.16 3.30 -3.96
CA ASN A 118 -3.68 2.06 -4.54
C ASN A 118 -4.81 2.36 -5.54
N TYR A 119 -5.67 3.32 -5.22
CA TYR A 119 -6.76 3.75 -6.10
C TYR A 119 -6.20 4.31 -7.42
N LEU A 120 -5.20 5.20 -7.33
CA LEU A 120 -4.63 5.84 -8.51
C LEU A 120 -4.00 4.80 -9.45
N LEU A 121 -3.20 3.91 -8.88
CA LEU A 121 -2.54 2.90 -9.69
C LEU A 121 -3.53 1.97 -10.39
N ASN A 122 -4.55 1.49 -9.69
CA ASN A 122 -5.55 0.60 -10.29
C ASN A 122 -6.42 1.31 -11.32
N THR A 123 -6.74 2.58 -11.08
CA THR A 123 -7.54 3.39 -12.03
C THR A 123 -6.76 3.54 -13.35
N ILE A 124 -5.45 3.92 -13.25
CA ILE A 124 -4.56 4.04 -14.41
C ILE A 124 -4.48 2.69 -15.11
N ALA A 125 -4.22 1.61 -14.36
CA ALA A 125 -4.12 0.27 -14.94
C ALA A 125 -5.42 -0.12 -15.70
N ASP A 126 -6.60 0.27 -15.18
CA ASP A 126 -7.87 -0.04 -15.84
C ASP A 126 -7.99 0.73 -17.14
N ILE A 127 -7.59 2.03 -17.15
CA ILE A 127 -7.60 2.87 -18.36
C ILE A 127 -6.72 2.21 -19.43
N LEU A 128 -5.50 1.80 -19.05
CA LEU A 128 -4.54 1.18 -19.96
C LEU A 128 -5.02 -0.16 -20.49
N GLN A 129 -5.63 -0.99 -19.62
CA GLN A 129 -6.18 -2.30 -19.98
C GLN A 129 -7.32 -2.14 -21.01
N GLU A 130 -8.23 -1.18 -20.77
CA GLU A 130 -9.36 -0.83 -21.63
C GLU A 130 -8.88 -0.33 -23.00
N GLU A 131 -7.67 0.26 -23.06
CA GLU A 131 -7.05 0.76 -24.30
C GLU A 131 -6.40 -0.38 -25.09
N LYS A 132 -5.86 -1.41 -24.39
CA LYS A 132 -5.29 -2.60 -25.03
C LYS A 132 -6.46 -3.40 -25.65
N LYS A 133 -7.59 -3.48 -24.90
CA LYS A 133 -8.85 -4.15 -25.26
C LYS A 133 -9.48 -3.52 -26.50
N GLN A 134 -9.26 -2.20 -26.70
CA GLN A 134 -9.77 -1.44 -27.85
C GLN A 134 -8.70 -1.29 -28.92
N GLU A 156 -3.45 -8.87 -20.69
CA GLU A 156 -2.02 -8.81 -20.40
C GLU A 156 -1.66 -7.69 -19.38
N LEU A 157 -0.37 -7.62 -19.00
CA LEU A 157 0.18 -6.67 -18.04
C LEU A 157 0.34 -5.28 -18.67
N THR A 158 -0.17 -4.25 -17.98
CA THR A 158 -0.02 -2.84 -18.38
C THR A 158 1.34 -2.35 -17.85
N TRP A 159 1.78 -1.16 -18.26
CA TRP A 159 3.06 -0.65 -17.74
C TRP A 159 2.99 -0.32 -16.23
N VAL A 160 1.77 -0.14 -15.66
CA VAL A 160 1.63 0.10 -14.21
C VAL A 160 2.04 -1.21 -13.50
N HIS A 161 1.57 -2.35 -14.02
CA HIS A 161 1.95 -3.67 -13.49
C HIS A 161 3.44 -3.97 -13.72
N GLU A 162 3.97 -3.60 -14.91
CA GLU A 162 5.41 -3.80 -15.15
C GLU A 162 6.26 -3.08 -14.12
N ILE A 163 5.77 -1.92 -13.66
CA ILE A 163 6.54 -1.15 -12.68
C ILE A 163 6.30 -1.66 -11.24
N PHE A 164 5.05 -1.74 -10.82
CA PHE A 164 4.77 -2.02 -9.40
C PHE A 164 4.36 -3.41 -9.02
N GLN A 165 3.96 -4.24 -10.00
CA GLN A 165 3.44 -5.54 -9.62
C GLN A 165 4.51 -6.57 -9.28
N GLY A 166 4.27 -7.23 -8.15
CA GLY A 166 5.08 -8.35 -7.70
C GLY A 166 4.14 -9.54 -7.54
N THR A 167 4.71 -10.70 -7.20
CA THR A 167 3.88 -11.86 -6.96
C THR A 167 4.36 -12.55 -5.71
N LEU A 168 3.44 -12.95 -4.84
CA LEU A 168 3.77 -13.76 -3.66
C LEU A 168 3.33 -15.19 -3.95
N THR A 169 3.98 -16.16 -3.30
CA THR A 169 3.48 -17.52 -3.31
C THR A 169 3.15 -17.83 -1.85
N ASN A 170 1.89 -18.11 -1.59
CA ASN A 170 1.48 -18.52 -0.27
C ASN A 170 1.57 -20.04 -0.23
N GLU A 171 2.25 -20.62 0.77
CA GLU A 171 2.30 -22.07 0.95
C GLU A 171 1.69 -22.40 2.28
N THR A 172 0.68 -23.27 2.28
CA THR A 172 0.05 -23.74 3.52
C THR A 172 0.34 -25.25 3.60
N ARG A 173 1.02 -25.68 4.65
CA ARG A 173 1.39 -27.07 4.86
C ARG A 173 0.58 -27.59 6.02
N CYS A 174 -0.25 -28.60 5.77
CA CYS A 174 -1.01 -29.22 6.84
C CYS A 174 -0.02 -30.00 7.72
N LEU A 175 0.00 -29.74 9.02
CA LEU A 175 0.96 -30.45 9.90
C LEU A 175 0.49 -31.91 10.21
N ASN A 176 -0.75 -32.24 9.83
CA ASN A 176 -1.27 -33.58 10.09
C ASN A 176 -0.90 -34.53 8.97
N CYS A 177 -1.12 -34.15 7.69
CA CYS A 177 -0.84 -35.04 6.55
C CYS A 177 0.39 -34.61 5.75
N GLU A 178 0.96 -33.42 6.08
CA GLU A 178 2.13 -32.85 5.42
C GLU A 178 1.85 -32.39 3.99
N THR A 179 0.56 -32.32 3.58
CA THR A 179 0.25 -31.83 2.22
C THR A 179 0.48 -30.30 2.16
N VAL A 180 1.18 -29.86 1.10
CA VAL A 180 1.46 -28.43 0.89
C VAL A 180 0.57 -27.93 -0.25
N SER A 181 -0.13 -26.81 -0.01
CA SER A 181 -0.96 -26.16 -1.02
C SER A 181 -0.35 -24.79 -1.30
N SER A 182 0.00 -24.52 -2.57
CA SER A 182 0.62 -23.27 -2.99
C SER A 182 -0.36 -22.43 -3.80
N LYS A 183 -0.37 -21.12 -3.53
CA LYS A 183 -1.27 -20.20 -4.22
C LYS A 183 -0.49 -18.89 -4.53
N ASP A 184 -0.46 -18.48 -5.80
CA ASP A 184 0.22 -17.24 -6.21
C ASP A 184 -0.74 -16.08 -6.18
N GLU A 185 -0.30 -14.95 -5.60
CA GLU A 185 -1.18 -13.77 -5.51
C GLU A 185 -0.35 -12.54 -5.81
N ASP A 186 -0.84 -11.68 -6.70
CA ASP A 186 -0.15 -10.47 -7.11
C ASP A 186 -0.30 -9.38 -6.05
N PHE A 187 0.54 -8.36 -6.14
CA PHE A 187 0.47 -7.20 -5.24
C PHE A 187 1.03 -6.01 -6.00
N LEU A 188 0.64 -4.79 -5.63
CA LEU A 188 1.19 -3.56 -6.13
C LEU A 188 2.06 -2.89 -5.03
N ASP A 189 1.91 -3.38 -3.79
CA ASP A 189 2.64 -2.94 -2.61
C ASP A 189 2.47 -3.99 -1.54
N LEU A 190 3.34 -3.97 -0.53
CA LEU A 190 3.26 -4.88 0.60
C LEU A 190 2.97 -4.05 1.84
N SER A 191 1.91 -4.43 2.58
CA SER A 191 1.52 -3.81 3.84
C SER A 191 2.13 -4.68 4.94
N VAL A 192 3.14 -4.15 5.60
CA VAL A 192 3.95 -4.85 6.59
C VAL A 192 3.62 -4.40 8.02
N ASP A 193 3.54 -5.34 8.95
CA ASP A 193 3.27 -4.95 10.33
C ASP A 193 4.56 -4.47 10.96
N VAL A 194 4.44 -3.61 11.96
CA VAL A 194 5.63 -2.98 12.56
C VAL A 194 5.75 -3.33 14.04
N GLU A 195 6.88 -3.01 14.63
CA GLU A 195 7.15 -3.21 16.05
C GLU A 195 8.03 -2.05 16.48
N GLN A 196 8.12 -1.78 17.77
CA GLN A 196 8.96 -0.70 18.28
C GLN A 196 10.43 -1.03 18.12
N ASN A 197 11.23 -0.07 17.64
CA ASN A 197 12.68 -0.15 17.48
C ASN A 197 13.08 -1.32 16.58
N THR A 198 12.71 -1.19 15.32
CA THR A 198 13.02 -2.22 14.35
C THR A 198 13.40 -1.57 13.04
N SER A 199 13.64 -2.40 12.01
CA SER A 199 13.94 -1.98 10.67
C SER A 199 12.86 -2.53 9.75
N ILE A 200 12.70 -1.89 8.63
CA ILE A 200 11.86 -2.34 7.53
C ILE A 200 12.37 -3.75 7.07
N THR A 201 13.70 -4.01 7.23
CA THR A 201 14.26 -5.35 6.94
C THR A 201 13.64 -6.40 7.84
N HIS A 202 13.46 -6.12 9.16
CA HIS A 202 12.78 -7.07 10.06
C HIS A 202 11.32 -7.24 9.61
N CYS A 203 10.64 -6.12 9.33
CA CYS A 203 9.23 -6.16 8.94
C CYS A 203 9.04 -7.01 7.67
N LEU A 204 9.90 -6.83 6.68
CA LEU A 204 9.87 -7.55 5.41
C LEU A 204 10.13 -9.04 5.58
N ARG A 205 11.10 -9.41 6.43
N ARG A 205 11.12 -9.40 6.41
CA ARG A 205 11.41 -10.82 6.71
CA ARG A 205 11.45 -10.78 6.69
C ARG A 205 10.29 -11.42 7.53
C ARG A 205 10.31 -11.40 7.50
N ASP A 206 9.70 -10.63 8.43
CA ASP A 206 8.58 -11.07 9.27
C ASP A 206 7.34 -11.36 8.43
N PHE A 207 7.11 -10.55 7.38
CA PHE A 207 5.99 -10.71 6.46
C PHE A 207 6.04 -12.12 5.81
N SER A 208 7.28 -12.60 5.52
CA SER A 208 7.60 -13.88 4.85
C SER A 208 7.96 -15.00 5.79
N ASN A 209 7.80 -14.78 7.09
N ASN A 209 7.79 -14.79 7.10
CA ASN A 209 8.08 -15.78 8.10
CA ASN A 209 8.09 -15.86 8.06
C ASN A 209 6.95 -16.84 8.14
C ASN A 209 6.95 -16.86 8.14
N THR A 210 7.26 -18.08 8.57
CA THR A 210 6.27 -19.13 8.70
C THR A 210 5.44 -18.81 9.94
N GLU A 211 4.13 -18.91 9.80
CA GLU A 211 3.26 -18.69 10.94
C GLU A 211 2.55 -20.01 11.14
N THR A 212 2.33 -20.42 12.40
CA THR A 212 1.56 -21.62 12.69
C THR A 212 0.10 -21.21 12.92
N LEU A 213 -0.78 -21.85 12.18
CA LEU A 213 -2.22 -21.68 12.30
C LEU A 213 -2.67 -22.76 13.30
N CYS A 214 -3.20 -22.36 14.45
CA CYS A 214 -3.62 -23.34 15.44
C CYS A 214 -4.87 -22.83 16.15
N SER A 215 -5.52 -23.70 16.94
CA SER A 215 -6.74 -23.40 17.71
C SER A 215 -7.82 -22.77 16.84
N GLU A 216 -8.25 -21.52 17.11
CA GLU A 216 -9.30 -20.86 16.32
C GLU A 216 -8.93 -20.59 14.87
N GLN A 217 -7.62 -20.57 14.54
CA GLN A 217 -7.21 -20.29 13.16
C GLN A 217 -6.79 -21.53 12.39
N LYS A 218 -7.21 -22.73 12.87
CA LYS A 218 -6.83 -23.95 12.15
C LYS A 218 -7.25 -23.90 10.70
N TYR A 219 -6.44 -24.53 9.88
CA TYR A 219 -6.59 -24.56 8.44
C TYR A 219 -7.51 -25.73 8.05
N TYR A 220 -8.45 -25.47 7.13
CA TYR A 220 -9.26 -26.56 6.62
C TYR A 220 -8.46 -27.26 5.53
N CYS A 221 -7.97 -28.47 5.84
CA CYS A 221 -7.17 -29.24 4.90
C CYS A 221 -8.07 -30.11 4.04
N GLU A 222 -7.94 -30.04 2.71
CA GLU A 222 -8.79 -30.84 1.83
C GLU A 222 -8.44 -32.34 1.79
N THR A 223 -7.24 -32.72 2.25
CA THR A 223 -6.84 -34.13 2.34
C THR A 223 -7.43 -34.70 3.62
N CYS A 224 -7.27 -33.98 4.74
CA CYS A 224 -7.79 -34.37 6.04
C CYS A 224 -9.28 -34.15 6.14
N CYS A 225 -9.89 -33.35 5.22
CA CYS A 225 -11.30 -32.94 5.28
C CYS A 225 -11.72 -32.47 6.65
N SER A 226 -10.83 -31.74 7.33
CA SER A 226 -11.08 -31.25 8.66
C SER A 226 -10.03 -30.16 8.99
N LYS A 227 -10.31 -29.37 9.99
CA LYS A 227 -9.42 -28.29 10.43
C LYS A 227 -8.23 -28.88 11.14
N GLN A 228 -7.04 -28.45 10.75
CA GLN A 228 -5.79 -28.98 11.30
C GLN A 228 -4.81 -27.85 11.56
N GLU A 229 -3.83 -28.09 12.44
CA GLU A 229 -2.75 -27.13 12.62
C GLU A 229 -1.97 -27.11 11.34
N ALA A 230 -1.48 -25.93 10.95
CA ALA A 230 -0.77 -25.77 9.69
C ALA A 230 0.27 -24.68 9.76
N GLN A 231 1.21 -24.69 8.83
CA GLN A 231 2.22 -23.67 8.71
C GLN A 231 1.94 -22.91 7.43
N LYS A 232 1.80 -21.60 7.54
CA LYS A 232 1.51 -20.72 6.42
C LYS A 232 2.68 -19.79 6.20
N ARG A 233 3.11 -19.68 4.94
CA ARG A 233 4.23 -18.80 4.65
C ARG A 233 4.02 -18.10 3.33
N MET A 234 4.20 -16.78 3.27
CA MET A 234 4.06 -16.05 2.01
C MET A 234 5.45 -15.66 1.55
N ARG A 235 5.94 -16.22 0.47
CA ARG A 235 7.26 -15.86 -0.05
C ARG A 235 7.14 -15.05 -1.33
N VAL A 236 8.12 -14.16 -1.59
CA VAL A 236 8.09 -13.37 -2.83
C VAL A 236 8.55 -14.28 -3.97
N LYS A 237 7.70 -14.44 -4.97
CA LYS A 237 7.98 -15.24 -6.17
C LYS A 237 8.54 -14.29 -7.24
N LYS A 238 7.90 -13.13 -7.44
CA LYS A 238 8.35 -12.16 -8.44
C LYS A 238 8.50 -10.81 -7.75
N LEU A 239 9.74 -10.28 -7.75
CA LEU A 239 10.02 -8.98 -7.15
C LEU A 239 9.67 -7.89 -8.12
N PRO A 240 9.03 -6.80 -7.67
CA PRO A 240 8.67 -5.75 -8.62
C PRO A 240 9.83 -4.82 -9.00
N MET A 241 9.66 -4.07 -10.09
CA MET A 241 10.67 -3.09 -10.50
C MET A 241 10.79 -1.99 -9.41
N ILE A 242 9.64 -1.54 -8.89
CA ILE A 242 9.59 -0.61 -7.77
C ILE A 242 8.82 -1.32 -6.68
N LEU A 243 9.43 -1.43 -5.51
CA LEU A 243 8.79 -2.07 -4.37
C LEU A 243 8.20 -0.97 -3.46
N ALA A 244 6.88 -0.91 -3.36
CA ALA A 244 6.23 0.05 -2.46
C ALA A 244 5.88 -0.69 -1.15
N LEU A 245 6.37 -0.16 -0.02
CA LEU A 245 6.13 -0.75 1.30
C LEU A 245 5.25 0.17 2.13
N HIS A 246 4.15 -0.36 2.65
CA HIS A 246 3.17 0.39 3.44
C HIS A 246 3.27 -0.07 4.90
N LEU A 247 3.59 0.84 5.81
CA LEU A 247 3.76 0.47 7.23
C LEU A 247 2.42 0.49 7.92
N LYS A 248 2.03 -0.64 8.56
CA LYS A 248 0.74 -0.70 9.24
C LYS A 248 0.88 0.01 10.62
N ARG A 249 0.96 1.34 10.57
CA ARG A 249 1.17 2.15 11.78
C ARG A 249 -0.15 2.43 12.48
N PHE A 250 -0.88 1.39 12.83
CA PHE A 250 -2.17 1.52 13.51
C PHE A 250 -2.43 0.30 14.34
N LYS A 251 -3.14 0.49 15.44
CA LYS A 251 -3.43 -0.60 16.38
C LYS A 251 -4.85 -0.42 16.87
N TYR A 252 -5.66 -1.46 16.78
CA TYR A 252 -7.04 -1.39 17.26
C TYR A 252 -7.12 -1.84 18.71
N MET A 253 -7.73 -1.01 19.56
CA MET A 253 -7.91 -1.26 21.00
C MET A 253 -9.37 -1.69 21.23
N GLU A 254 -9.64 -3.01 21.17
CA GLU A 254 -10.97 -3.63 21.36
C GLU A 254 -11.73 -3.10 22.58
N GLN A 255 -11.03 -2.97 23.72
CA GLN A 255 -11.58 -2.48 24.98
C GLN A 255 -11.98 -1.01 24.93
N LEU A 256 -11.27 -0.18 24.13
CA LEU A 256 -11.52 1.25 24.01
C LEU A 256 -12.41 1.65 22.84
N HIS A 257 -12.77 0.68 21.97
CA HIS A 257 -13.59 0.89 20.76
C HIS A 257 -13.01 2.00 19.83
N ARG A 258 -11.68 2.04 19.72
CA ARG A 258 -10.99 3.00 18.83
C ARG A 258 -9.61 2.48 18.45
N TYR A 259 -9.04 3.07 17.41
CA TYR A 259 -7.68 2.71 17.09
C TYR A 259 -6.77 3.90 17.23
N THR A 260 -5.49 3.62 17.39
CA THR A 260 -4.47 4.62 17.60
C THR A 260 -3.45 4.54 16.46
N LYS A 261 -2.63 5.58 16.31
CA LYS A 261 -1.54 5.58 15.34
C LYS A 261 -0.33 5.02 16.09
N LEU A 262 0.47 4.17 15.41
CA LEU A 262 1.71 3.67 15.98
C LEU A 262 2.83 4.55 15.49
N SER A 263 3.44 5.30 16.40
CA SER A 263 4.51 6.24 16.09
C SER A 263 5.89 5.62 16.41
N TYR A 264 5.97 4.27 16.38
CA TYR A 264 7.17 3.45 16.65
C TYR A 264 8.36 3.89 15.85
N ARG A 265 9.57 3.63 16.39
CA ARG A 265 10.79 3.84 15.64
C ARG A 265 10.91 2.64 14.65
N VAL A 266 10.81 2.91 13.35
CA VAL A 266 10.95 1.89 12.31
C VAL A 266 11.93 2.43 11.32
N VAL A 267 13.19 1.98 11.45
CA VAL A 267 14.26 2.43 10.57
C VAL A 267 14.03 1.96 9.14
N PHE A 268 14.24 2.85 8.17
CA PHE A 268 14.16 2.42 6.77
C PHE A 268 15.57 2.54 6.21
N PRO A 269 16.15 1.45 5.66
CA PRO A 269 17.51 1.56 5.11
C PRO A 269 17.52 2.23 3.73
N LEU A 270 18.67 2.77 3.34
CA LEU A 270 18.85 3.43 2.03
C LEU A 270 18.88 2.37 0.93
N GLU A 271 19.32 1.17 1.25
CA GLU A 271 19.33 0.09 0.27
C GLU A 271 18.79 -1.18 0.86
N LEU A 272 18.20 -2.02 0.01
CA LEU A 272 17.54 -3.23 0.43
C LEU A 272 17.82 -4.29 -0.59
N ARG A 273 18.14 -5.50 -0.16
CA ARG A 273 18.30 -6.61 -1.08
C ARG A 273 17.18 -7.59 -0.83
N LEU A 274 16.41 -7.91 -1.87
CA LEU A 274 15.32 -8.86 -1.69
C LEU A 274 15.52 -10.05 -2.59
N PHE A 275 15.03 -11.22 -2.17
CA PHE A 275 15.23 -12.50 -2.86
C PHE A 275 13.95 -13.07 -3.43
N ASN A 276 14.08 -13.76 -4.57
CA ASN A 276 12.97 -14.43 -5.27
C ASN A 276 13.10 -15.92 -5.03
N THR A 277 11.97 -16.65 -5.01
CA THR A 277 12.01 -18.13 -4.90
C THR A 277 12.20 -18.77 -6.29
N SER A 278 13.44 -18.74 -6.83
CA SER A 278 13.70 -19.33 -8.15
C SER A 278 13.95 -20.83 -8.05
N ASN A 283 16.66 -14.74 -12.21
CA ASN A 283 17.18 -13.73 -11.28
C ASN A 283 16.86 -14.10 -9.82
N LEU A 284 17.92 -14.35 -9.02
CA LEU A 284 17.81 -14.79 -7.63
C LEU A 284 17.44 -13.70 -6.63
N ASP A 285 17.92 -12.49 -6.89
CA ASP A 285 17.67 -11.39 -5.98
C ASP A 285 17.71 -10.09 -6.76
N ARG A 286 17.34 -9.01 -6.10
CA ARG A 286 17.31 -7.68 -6.69
C ARG A 286 17.76 -6.72 -5.62
N MET A 287 18.66 -5.76 -5.97
CA MET A 287 19.12 -4.69 -5.09
C MET A 287 18.21 -3.49 -5.33
N TYR A 288 17.77 -2.83 -4.26
CA TYR A 288 16.91 -1.66 -4.38
C TYR A 288 17.52 -0.50 -3.68
N ASP A 289 17.22 0.71 -4.14
CA ASP A 289 17.61 1.93 -3.43
C ASP A 289 16.34 2.70 -3.07
N LEU A 290 16.29 3.26 -1.88
CA LEU A 290 15.16 4.08 -1.44
C LEU A 290 15.13 5.36 -2.27
N VAL A 291 13.97 5.67 -2.86
CA VAL A 291 13.85 6.89 -3.67
C VAL A 291 12.87 7.90 -3.06
N ALA A 292 11.88 7.44 -2.27
CA ALA A 292 10.87 8.35 -1.71
C ALA A 292 10.22 7.75 -0.51
N VAL A 293 9.79 8.63 0.40
CA VAL A 293 9.11 8.24 1.62
C VAL A 293 7.94 9.19 1.79
N VAL A 294 6.72 8.66 1.86
CA VAL A 294 5.53 9.47 2.18
C VAL A 294 5.43 9.40 3.71
N VAL A 295 5.43 10.58 4.36
CA VAL A 295 5.47 10.71 5.83
C VAL A 295 4.14 11.25 6.33
N HIS A 296 3.53 10.59 7.34
CA HIS A 296 2.31 11.09 7.97
C HIS A 296 2.73 11.81 9.27
N CYS A 297 2.31 13.08 9.40
CA CYS A 297 2.63 13.95 10.54
C CYS A 297 1.36 14.11 11.37
N GLY A 298 1.44 13.73 12.62
CA GLY A 298 0.29 13.83 13.52
C GLY A 298 0.39 12.82 14.63
N SER A 299 -0.21 13.13 15.81
CA SER A 299 -0.18 12.20 16.94
C SER A 299 -1.21 11.08 16.78
N GLY A 300 -2.26 11.31 15.98
CA GLY A 300 -3.31 10.31 15.82
C GLY A 300 -3.65 9.94 14.38
N PRO A 301 -4.58 8.98 14.20
CA PRO A 301 -4.93 8.53 12.84
C PRO A 301 -6.04 9.28 12.12
N ASN A 302 -6.79 10.14 12.84
CA ASN A 302 -7.94 10.82 12.23
C ASN A 302 -7.65 12.13 11.58
N ARG A 303 -6.50 12.71 11.89
CA ARG A 303 -6.11 13.99 11.31
C ARG A 303 -4.62 13.99 11.19
N GLY A 304 -4.12 14.91 10.37
CA GLY A 304 -2.69 15.06 10.21
C GLY A 304 -2.31 15.76 8.93
N HIS A 305 -1.06 15.58 8.55
CA HIS A 305 -0.51 16.26 7.40
C HIS A 305 0.50 15.32 6.74
N TYR A 306 0.48 15.27 5.43
CA TYR A 306 1.44 14.44 4.71
C TYR A 306 2.51 15.27 4.04
N ILE A 307 3.74 14.74 4.08
CA ILE A 307 4.88 15.35 3.38
C ILE A 307 5.62 14.20 2.71
N THR A 308 6.51 14.52 1.76
CA THR A 308 7.28 13.51 1.07
C THR A 308 8.74 13.90 1.04
N ILE A 309 9.65 12.92 1.25
CA ILE A 309 11.09 13.16 1.08
C ILE A 309 11.45 12.33 -0.15
N VAL A 310 12.28 12.89 -1.05
CA VAL A 310 12.67 12.21 -2.27
C VAL A 310 14.18 12.32 -2.49
N LYS A 311 14.76 11.32 -3.17
CA LYS A 311 16.20 11.35 -3.49
C LYS A 311 16.30 11.79 -4.94
N SER A 312 17.05 12.85 -5.18
CA SER A 312 17.23 13.41 -6.51
C SER A 312 18.70 13.80 -6.68
N HIS A 313 19.36 13.23 -7.73
CA HIS A 313 20.79 13.48 -8.03
C HIS A 313 21.71 13.39 -6.80
N GLY A 314 21.46 12.39 -5.95
CA GLY A 314 22.28 12.16 -4.76
C GLY A 314 21.91 12.89 -3.50
N PHE A 315 20.99 13.89 -3.58
CA PHE A 315 20.57 14.65 -2.39
C PHE A 315 19.07 14.42 -2.08
N TRP A 316 18.66 14.78 -0.87
CA TRP A 316 17.28 14.62 -0.40
C TRP A 316 16.53 15.94 -0.44
N LEU A 317 15.27 15.87 -0.88
CA LEU A 317 14.38 17.02 -0.92
C LEU A 317 13.14 16.68 -0.12
N LEU A 318 12.59 17.68 0.57
CA LEU A 318 11.37 17.55 1.34
C LEU A 318 10.32 18.41 0.65
N PHE A 319 9.21 17.77 0.26
CA PHE A 319 8.08 18.44 -0.38
C PHE A 319 6.92 18.45 0.59
N ASP A 320 6.50 19.66 0.95
CA ASP A 320 5.39 19.87 1.88
C ASP A 320 4.43 20.80 1.13
N ASP A 321 3.47 20.22 0.41
CA ASP A 321 2.56 20.95 -0.46
C ASP A 321 3.35 21.93 -1.33
N ASP A 322 3.14 23.25 -1.17
CA ASP A 322 3.78 24.27 -2.01
C ASP A 322 5.25 24.56 -1.68
N ILE A 323 5.79 24.03 -0.58
CA ILE A 323 7.17 24.30 -0.16
C ILE A 323 8.11 23.15 -0.51
N VAL A 324 9.29 23.46 -1.05
CA VAL A 324 10.31 22.44 -1.34
C VAL A 324 11.59 22.87 -0.65
N GLU A 325 12.24 21.97 0.10
CA GLU A 325 13.52 22.31 0.71
C GLU A 325 14.50 21.17 0.62
N LYS A 326 15.78 21.50 0.45
CA LYS A 326 16.86 20.53 0.41
C LYS A 326 17.05 20.14 1.88
N ILE A 327 17.20 18.85 2.16
CA ILE A 327 17.41 18.40 3.54
C ILE A 327 18.65 17.53 3.60
N ASP A 328 19.35 17.53 4.75
CA ASP A 328 20.54 16.69 4.93
C ASP A 328 20.11 15.23 5.11
N ALA A 329 20.96 14.28 4.64
CA ALA A 329 20.73 12.84 4.75
C ALA A 329 20.42 12.41 6.20
N GLN A 330 21.06 13.06 7.19
CA GLN A 330 20.83 12.77 8.60
C GLN A 330 19.41 13.17 9.05
N ALA A 331 18.82 14.21 8.42
CA ALA A 331 17.46 14.69 8.76
C ALA A 331 16.35 13.66 8.45
N ILE A 332 16.60 12.70 7.55
CA ILE A 332 15.59 11.70 7.22
C ILE A 332 15.34 10.75 8.40
N GLU A 333 16.32 10.66 9.33
CA GLU A 333 16.21 9.86 10.56
C GLU A 333 15.04 10.28 11.44
N GLU A 334 14.64 11.57 11.38
N GLU A 334 14.64 11.56 11.42
CA GLU A 334 13.50 12.12 12.12
CA GLU A 334 13.50 12.00 12.23
C GLU A 334 12.22 11.32 11.77
C GLU A 334 12.21 11.24 11.80
N PHE A 335 12.15 10.79 10.54
CA PHE A 335 11.01 10.06 10.00
C PHE A 335 11.00 8.56 10.32
N TYR A 336 12.01 8.07 11.07
CA TYR A 336 11.97 6.68 11.53
C TYR A 336 10.84 6.54 12.57
N GLY A 337 10.55 7.63 13.27
CA GLY A 337 9.51 7.68 14.29
C GLY A 337 10.09 7.96 15.66
N LEU A 338 9.22 8.13 16.65
CA LEU A 338 9.58 8.51 18.03
C LEU A 338 10.26 7.42 18.85
N THR A 339 11.26 7.83 19.66
CA THR A 339 11.98 6.95 20.57
C THR A 339 11.19 6.90 21.89
N SER A 340 11.13 8.04 22.61
CA SER A 340 10.40 8.19 23.88
C SER A 340 9.12 8.98 23.65
N ASP A 341 8.14 8.89 24.60
CA ASP A 341 6.84 9.58 24.55
C ASP A 341 6.13 9.31 23.21
N ILE A 342 6.03 8.02 22.82
CA ILE A 342 5.49 7.55 21.54
C ILE A 342 3.98 7.86 21.30
N SER A 343 3.33 8.57 22.23
CA SER A 343 1.92 8.98 22.09
C SER A 343 1.83 10.41 21.53
N LYS A 344 2.98 11.15 21.51
CA LYS A 344 3.10 12.54 21.03
C LYS A 344 3.00 12.65 19.50
N ASN A 345 3.04 13.89 18.97
CA ASN A 345 2.99 14.17 17.54
C ASN A 345 4.25 13.64 16.81
N SER A 346 4.05 12.69 15.92
CA SER A 346 5.19 12.13 15.21
C SER A 346 5.13 12.48 13.76
N GLU A 347 6.28 12.43 13.13
CA GLU A 347 6.41 12.58 11.67
C GLU A 347 6.98 11.23 11.29
N SER A 348 6.14 10.34 10.83
CA SER A 348 6.63 8.99 10.62
C SER A 348 6.45 8.46 9.22
N GLY A 349 7.49 7.76 8.74
CA GLY A 349 7.48 7.11 7.44
C GLY A 349 6.30 6.17 7.33
N TYR A 350 5.55 6.25 6.23
CA TYR A 350 4.32 5.48 6.08
C TYR A 350 4.31 4.67 4.79
N ILE A 351 4.77 5.26 3.66
CA ILE A 351 4.90 4.53 2.39
C ILE A 351 6.33 4.73 1.91
N LEU A 352 7.05 3.63 1.64
CA LEU A 352 8.44 3.70 1.17
C LEU A 352 8.45 3.22 -0.25
N PHE A 353 9.27 3.87 -1.08
CA PHE A 353 9.38 3.50 -2.50
C PHE A 353 10.79 3.13 -2.76
N TYR A 354 11.02 1.86 -3.09
CA TYR A 354 12.34 1.31 -3.38
C TYR A 354 12.46 1.01 -4.87
N GLN A 355 13.49 1.54 -5.51
CA GLN A 355 13.70 1.36 -6.94
C GLN A 355 14.77 0.29 -7.19
N SER A 356 14.44 -0.72 -8.00
CA SER A 356 15.44 -1.75 -8.28
C SER A 356 16.59 -1.18 -9.11
N ARG A 357 17.80 -1.64 -8.82
CA ARG A 357 19.01 -1.21 -9.54
C ARG A 357 19.05 -1.79 -10.95
N GLY B 18 -20.59 -28.60 -0.45
CA GLY B 18 -19.53 -27.64 -0.14
C GLY B 18 -19.77 -26.28 -0.73
N SER B 19 -20.65 -25.49 -0.08
CA SER B 19 -21.02 -24.15 -0.52
C SER B 19 -20.03 -23.07 -0.02
N HIS B 20 -19.24 -23.39 1.03
CA HIS B 20 -18.30 -22.44 1.62
C HIS B 20 -16.82 -22.85 1.52
N MET B 21 -15.90 -21.87 1.58
N MET B 21 -15.92 -21.84 1.57
CA MET B 21 -14.47 -22.11 1.56
CA MET B 21 -14.47 -21.98 1.47
C MET B 21 -13.78 -21.17 2.54
C MET B 21 -13.83 -21.21 2.64
N GLN B 22 -12.58 -21.53 2.98
CA GLN B 22 -11.85 -20.81 4.02
C GLN B 22 -10.80 -19.91 3.39
N ILE B 23 -10.82 -18.62 3.78
CA ILE B 23 -9.82 -17.65 3.31
C ILE B 23 -9.08 -17.16 4.57
N PHE B 24 -8.03 -16.36 4.35
CA PHE B 24 -7.18 -15.84 5.41
C PHE B 24 -7.19 -14.33 5.39
N VAL B 25 -7.00 -13.72 6.55
CA VAL B 25 -6.86 -12.25 6.65
C VAL B 25 -5.56 -12.00 7.42
N LYS B 26 -4.62 -11.26 6.85
CA LYS B 26 -3.39 -10.89 7.56
C LYS B 26 -3.77 -9.59 8.29
N THR B 27 -3.90 -9.68 9.62
CA THR B 27 -4.43 -8.59 10.43
C THR B 27 -3.37 -7.49 10.72
N LEU B 28 -3.74 -6.50 11.53
CA LEU B 28 -2.90 -5.33 11.82
C LEU B 28 -1.53 -5.65 12.45
N THR B 29 -1.49 -6.67 13.32
CA THR B 29 -0.23 -7.10 13.94
C THR B 29 0.49 -8.13 13.07
N GLY B 30 -0.08 -8.49 11.92
CA GLY B 30 0.52 -9.50 11.05
C GLY B 30 0.01 -10.91 11.35
N LYS B 31 -0.77 -11.08 12.44
CA LYS B 31 -1.36 -12.37 12.78
C LYS B 31 -2.40 -12.76 11.71
N THR B 32 -2.38 -14.01 11.26
CA THR B 32 -3.36 -14.47 10.28
C THR B 32 -4.56 -15.09 10.99
N ILE B 33 -5.75 -14.71 10.56
CA ILE B 33 -7.00 -15.31 11.05
C ILE B 33 -7.67 -15.97 9.85
N THR B 34 -8.52 -16.97 10.12
CA THR B 34 -9.27 -17.65 9.07
C THR B 34 -10.68 -17.08 9.03
N LEU B 35 -11.32 -17.13 7.86
CA LEU B 35 -12.70 -16.68 7.71
C LEU B 35 -13.41 -17.74 6.88
N GLU B 36 -14.61 -18.18 7.30
CA GLU B 36 -15.43 -19.12 6.52
C GLU B 36 -16.36 -18.28 5.67
N VAL B 37 -16.21 -18.37 4.37
CA VAL B 37 -16.97 -17.50 3.45
C VAL B 37 -17.66 -18.28 2.34
N GLU B 38 -18.46 -17.61 1.53
CA GLU B 38 -19.12 -18.15 0.34
C GLU B 38 -18.83 -17.23 -0.84
N PRO B 39 -18.80 -17.72 -2.10
CA PRO B 39 -18.52 -16.82 -3.24
C PRO B 39 -19.48 -15.63 -3.37
N SER B 40 -20.73 -15.81 -2.89
CA SER B 40 -21.78 -14.78 -2.93
C SER B 40 -21.63 -13.74 -1.80
N ASP B 41 -20.69 -13.97 -0.84
CA ASP B 41 -20.51 -12.99 0.24
C ASP B 41 -20.00 -11.68 -0.31
N THR B 42 -20.56 -10.57 0.15
CA THR B 42 -20.11 -9.25 -0.28
C THR B 42 -18.92 -8.87 0.61
N ILE B 43 -18.20 -7.82 0.22
CA ILE B 43 -17.08 -7.30 1.00
C ILE B 43 -17.57 -6.84 2.37
N GLU B 44 -18.80 -6.24 2.45
CA GLU B 44 -19.39 -5.83 3.74
C GLU B 44 -19.57 -7.02 4.67
N ASN B 45 -20.01 -8.17 4.11
CA ASN B 45 -20.19 -9.42 4.88
C ASN B 45 -18.85 -9.89 5.41
N VAL B 46 -17.81 -9.81 4.56
CA VAL B 46 -16.45 -10.21 4.95
C VAL B 46 -15.98 -9.29 6.08
N LYS B 47 -16.20 -7.98 5.94
CA LYS B 47 -15.81 -7.04 7.01
C LYS B 47 -16.58 -7.32 8.32
N ALA B 48 -17.85 -7.74 8.22
CA ALA B 48 -18.66 -8.12 9.42
C ALA B 48 -18.03 -9.35 10.12
N LYS B 49 -17.51 -10.32 9.35
CA LYS B 49 -16.86 -11.53 9.89
C LYS B 49 -15.51 -11.15 10.56
N ILE B 50 -14.79 -10.15 9.98
CA ILE B 50 -13.53 -9.69 10.58
C ILE B 50 -13.86 -8.98 11.88
N GLN B 51 -14.93 -8.17 11.89
CA GLN B 51 -15.39 -7.47 13.09
C GLN B 51 -15.72 -8.48 14.21
N ASP B 52 -16.27 -9.66 13.86
CA ASP B 52 -16.55 -10.69 14.85
C ASP B 52 -15.30 -11.22 15.54
N LYS B 53 -14.15 -11.32 14.81
CA LYS B 53 -12.90 -11.83 15.36
C LYS B 53 -11.99 -10.75 15.96
N GLU B 54 -11.95 -9.56 15.33
CA GLU B 54 -11.03 -8.47 15.67
C GLU B 54 -11.65 -7.27 16.39
N GLY B 55 -12.96 -7.08 16.24
CA GLY B 55 -13.69 -5.98 16.84
C GLY B 55 -13.64 -4.67 16.09
N ILE B 56 -12.90 -4.63 14.96
CA ILE B 56 -12.76 -3.41 14.15
C ILE B 56 -14.04 -3.11 13.39
N PRO B 57 -14.64 -1.90 13.54
CA PRO B 57 -15.85 -1.60 12.75
C PRO B 57 -15.59 -1.72 11.25
N PRO B 58 -16.54 -2.29 10.50
CA PRO B 58 -16.35 -2.40 9.05
C PRO B 58 -15.99 -1.10 8.31
N ASP B 59 -16.52 0.07 8.75
CA ASP B 59 -16.25 1.35 8.08
C ASP B 59 -14.79 1.81 8.20
N GLN B 60 -14.07 1.29 9.20
CA GLN B 60 -12.65 1.62 9.38
C GLN B 60 -11.74 0.62 8.64
N GLN B 61 -12.29 -0.52 8.22
CA GLN B 61 -11.48 -1.57 7.61
C GLN B 61 -11.23 -1.32 6.14
N ARG B 62 -10.01 -1.60 5.67
CA ARG B 62 -9.68 -1.62 4.25
C ARG B 62 -9.04 -2.99 3.97
N LEU B 63 -9.50 -3.66 2.91
CA LEU B 63 -8.99 -4.98 2.54
C LEU B 63 -8.31 -4.93 1.23
N ILE B 64 -7.07 -5.42 1.17
CA ILE B 64 -6.33 -5.42 -0.09
C ILE B 64 -6.15 -6.87 -0.54
N PHE B 65 -6.44 -7.14 -1.81
CA PHE B 65 -6.25 -8.49 -2.34
C PHE B 65 -5.82 -8.38 -3.79
N ALA B 66 -4.75 -9.11 -4.18
CA ALA B 66 -4.26 -9.07 -5.56
C ALA B 66 -3.91 -7.67 -6.06
N GLY B 67 -3.45 -6.79 -5.15
CA GLY B 67 -3.06 -5.43 -5.52
C GLY B 67 -4.19 -4.43 -5.59
N LYS B 68 -5.41 -4.82 -5.19
CA LYS B 68 -6.58 -3.95 -5.27
C LYS B 68 -7.31 -3.84 -3.94
N GLN B 69 -7.77 -2.64 -3.60
CA GLN B 69 -8.58 -2.46 -2.38
C GLN B 69 -9.98 -2.90 -2.75
N LEU B 70 -10.53 -3.82 -1.96
CA LEU B 70 -11.85 -4.40 -2.24
C LEU B 70 -12.97 -3.43 -1.93
N GLU B 71 -13.97 -3.41 -2.81
CA GLU B 71 -15.10 -2.48 -2.72
C GLU B 71 -16.34 -3.05 -2.11
N ASP B 72 -16.99 -2.26 -1.24
CA ASP B 72 -18.27 -2.62 -0.64
C ASP B 72 -19.29 -2.71 -1.80
N GLY B 73 -20.14 -3.71 -1.74
CA GLY B 73 -21.14 -3.98 -2.76
C GLY B 73 -20.73 -5.07 -3.71
N ARG B 74 -19.41 -5.33 -3.84
CA ARG B 74 -18.91 -6.38 -4.73
C ARG B 74 -18.82 -7.67 -3.90
N THR B 75 -18.73 -8.83 -4.57
CA THR B 75 -18.69 -10.11 -3.88
C THR B 75 -17.31 -10.77 -4.01
N LEU B 76 -17.07 -11.84 -3.23
CA LEU B 76 -15.84 -12.60 -3.37
C LEU B 76 -15.71 -13.21 -4.77
N SER B 77 -16.82 -13.68 -5.38
CA SER B 77 -16.78 -14.23 -6.75
C SER B 77 -16.37 -13.16 -7.78
N ASP B 78 -16.85 -11.90 -7.62
CA ASP B 78 -16.47 -10.80 -8.53
C ASP B 78 -14.95 -10.60 -8.56
N TYR B 79 -14.27 -10.83 -7.42
CA TYR B 79 -12.82 -10.65 -7.36
C TYR B 79 -12.08 -11.97 -7.53
N ASN B 80 -12.84 -13.08 -7.71
CA ASN B 80 -12.29 -14.45 -7.83
C ASN B 80 -11.39 -14.77 -6.60
N ILE B 81 -11.96 -14.60 -5.42
CA ILE B 81 -11.29 -14.85 -4.13
C ILE B 81 -11.66 -16.27 -3.76
N GLN B 82 -10.77 -17.19 -4.04
CA GLN B 82 -10.96 -18.61 -3.82
C GLN B 82 -10.35 -19.06 -2.52
N LYS B 83 -10.52 -20.34 -2.17
CA LYS B 83 -9.99 -20.87 -0.92
C LYS B 83 -8.50 -20.53 -0.77
N GLU B 84 -8.07 -20.30 0.47
CA GLU B 84 -6.67 -20.00 0.81
C GLU B 84 -6.19 -18.60 0.37
N SER B 85 -7.09 -17.75 -0.17
CA SER B 85 -6.76 -16.35 -0.50
C SER B 85 -6.37 -15.62 0.78
N THR B 86 -5.36 -14.75 0.72
CA THR B 86 -5.00 -13.93 1.88
C THR B 86 -5.39 -12.50 1.57
N LEU B 87 -6.30 -11.94 2.37
CA LEU B 87 -6.67 -10.54 2.28
C LEU B 87 -5.76 -9.80 3.26
N HIS B 88 -5.35 -8.58 2.90
CA HIS B 88 -4.46 -7.80 3.76
C HIS B 88 -5.27 -6.70 4.40
N LEU B 89 -5.40 -6.76 5.73
CA LEU B 89 -6.20 -5.78 6.45
C LEU B 89 -5.36 -4.58 6.88
N VAL B 90 -5.84 -3.38 6.55
CA VAL B 90 -5.18 -2.10 6.91
C VAL B 90 -6.26 -1.09 7.32
N LEU B 91 -5.86 -0.11 8.11
CA LEU B 91 -6.76 0.98 8.51
C LEU B 91 -6.30 2.24 7.80
N ARG B 92 -6.41 3.41 8.43
CA ARG B 92 -6.09 4.67 7.79
C ARG B 92 -5.33 5.60 8.69
N LEU B 93 -4.45 6.41 8.09
CA LEU B 93 -3.80 7.55 8.73
C LEU B 93 -4.27 8.72 7.86
N ARG B 94 -5.29 9.44 8.33
CA ARG B 94 -5.84 10.54 7.56
C ARG B 94 -4.96 11.74 7.68
N GLY B 95 -4.81 12.45 6.59
CA GLY B 95 -4.04 13.68 6.60
C GLY B 95 -4.51 14.64 5.54
N GLY B 96 -4.20 15.92 5.75
CA GLY B 96 -4.51 17.00 4.82
C GLY B 96 -3.27 17.74 4.38
#